data_6B2L
#
_entry.id   6B2L
#
_cell.length_a   99.740
_cell.length_b   99.740
_cell.length_c   99.740
_cell.angle_alpha   90.00
_cell.angle_beta   90.00
_cell.angle_gamma   90.00
#
_symmetry.space_group_name_H-M   'P 21 3'
#
loop_
_entity.id
_entity.type
_entity.pdbx_description
1 polymer 'Purine nucleoside phosphorylase'
2 non-polymer 'DIMETHYL SULFOXIDE'
3 non-polymer PIPERIDIN-2-IMINE
4 water water
#
_entity_poly.entity_id   1
_entity_poly.type   'polypeptide(L)'
_entity_poly.pdbx_seq_one_letter_code
;MTTPVVANYENASMAADYIKRVSNVLPDIGII(CME)GSGLGKLIEEIEERKVIPYINIPNFPKTTVAGHVGNLVLGSVG
GRKIVAMQGRLHMYEGYSNQEIALPIRVMKLLGVRVLLITNLAGGINRKLKSGDFVLIKGHINFPGLGLNNVLVGPNQDE
FGPRFPDLSNAYDRLLQQLALKIAQENDFQDLVHEGVYAFNGGPTYESPDESNMLLKLGCDVVGMSTVPEVIIACHCGIK
VLAVSLIANNSILDAENDVSINHEKVLAVAEKRADLLQMWFKEIITRLPLD
;
_entity_poly.pdbx_strand_id   A
#
loop_
_chem_comp.id
_chem_comp.type
_chem_comp.name
_chem_comp.formula
2IM non-polymer PIPERIDIN-2-IMINE 'C5 H10 N2'
DMS non-polymer 'DIMETHYL SULFOXIDE' 'C2 H6 O S'
#
# COMPACT_ATOMS: atom_id res chain seq x y z
N VAL A 5 16.10 -15.27 -0.95
CA VAL A 5 17.17 -14.63 -0.18
C VAL A 5 16.63 -13.76 0.99
N VAL A 6 17.49 -13.52 1.99
CA VAL A 6 17.12 -12.69 3.15
C VAL A 6 17.11 -11.20 2.77
N ALA A 7 16.15 -10.45 3.35
CA ALA A 7 16.06 -9.00 3.14
C ALA A 7 17.03 -8.26 4.06
N ASN A 8 18.30 -8.56 3.88
CA ASN A 8 19.36 -7.98 4.70
C ASN A 8 20.03 -6.81 3.98
N TYR A 9 20.93 -6.14 4.72
CA TYR A 9 21.62 -4.93 4.25
C TYR A 9 22.44 -5.18 2.98
N GLU A 10 23.22 -6.27 2.97
CA GLU A 10 24.07 -6.60 1.80
C GLU A 10 23.20 -6.81 0.55
N ASN A 11 22.13 -7.58 0.67
CA ASN A 11 21.33 -7.95 -0.51
C ASN A 11 20.53 -6.76 -1.03
N ALA A 12 19.94 -5.98 -0.12
CA ALA A 12 19.28 -4.76 -0.55
C ALA A 12 20.25 -3.78 -1.21
N SER A 13 21.49 -3.70 -0.71
CA SER A 13 22.49 -2.80 -1.29
C SER A 13 22.81 -3.18 -2.74
N MET A 14 22.93 -4.48 -3.01
CA MET A 14 23.23 -4.92 -4.38
C MET A 14 22.12 -4.48 -5.34
N ALA A 15 20.86 -4.64 -4.92
CA ALA A 15 19.74 -4.24 -5.75
C ALA A 15 19.76 -2.74 -6.00
N ALA A 16 20.01 -1.95 -4.96
CA ALA A 16 20.05 -0.50 -5.11
C ALA A 16 21.18 -0.07 -6.06
N ASP A 17 22.33 -0.73 -5.98
CA ASP A 17 23.43 -0.43 -6.90
C ASP A 17 23.00 -0.57 -8.35
N TYR A 18 22.33 -1.68 -8.69
CA TYR A 18 21.86 -1.90 -10.07
C TYR A 18 20.92 -0.78 -10.49
N ILE A 19 19.95 -0.47 -9.62
CA ILE A 19 18.94 0.52 -9.94
C ILE A 19 19.55 1.89 -10.16
N LYS A 20 20.51 2.28 -9.31
CA LYS A 20 21.19 3.56 -9.52
C LYS A 20 21.92 3.59 -10.86
N ARG A 21 22.61 2.50 -11.21
CA ARG A 21 23.34 2.47 -12.48
C ARG A 21 22.41 2.70 -13.66
N VAL A 22 21.22 2.11 -13.62
CA VAL A 22 20.36 2.05 -14.79
C VAL A 22 19.45 3.27 -14.94
N SER A 23 19.07 3.93 -13.85
CA SER A 23 18.03 4.95 -13.91
C SER A 23 18.56 6.36 -13.72
N ASN A 24 19.62 6.54 -12.95
CA ASN A 24 20.20 7.84 -12.65
C ASN A 24 19.31 8.68 -11.74
N VAL A 25 18.14 8.18 -11.34
CA VAL A 25 17.20 8.91 -10.50
C VAL A 25 17.48 8.57 -9.05
N LEU A 26 17.57 9.59 -8.19
CA LEU A 26 17.56 9.34 -6.74
C LEU A 26 16.25 9.86 -6.17
N PRO A 27 15.28 8.97 -5.90
CA PRO A 27 13.96 9.41 -5.44
C PRO A 27 13.93 9.62 -3.94
N ASP A 28 13.07 10.54 -3.51
CA ASP A 28 12.75 10.63 -2.09
C ASP A 28 11.29 10.33 -1.76
N ILE A 29 10.48 9.90 -2.74
CA ILE A 29 9.10 9.48 -2.53
C ILE A 29 8.90 8.12 -3.19
N GLY A 30 8.18 7.21 -2.53
CA GLY A 30 7.81 5.93 -3.12
C GLY A 30 6.30 5.79 -3.15
N ILE A 31 5.80 5.04 -4.14
CA ILE A 31 4.36 4.82 -4.26
C ILE A 31 4.09 3.34 -4.55
N ILE A 32 3.03 2.82 -3.92
CA ILE A 32 2.52 1.47 -4.20
C ILE A 32 1.02 1.59 -4.45
N CME A 33 0.57 1.25 -5.65
CA CME A 33 -0.82 1.49 -6.02
CB CME A 33 -0.98 2.16 -7.39
SG CME A 33 0.07 3.56 -7.59
SD CME A 33 -0.59 4.97 -6.16
CE CME A 33 -1.55 6.05 -7.14
CZ CME A 33 -3.00 6.14 -6.73
OH CME A 33 -3.53 4.82 -6.74
C CME A 33 -1.64 0.20 -6.02
O CME A 33 -1.21 -0.90 -6.39
HA CME A 33 -1.26 2.18 -5.24
HB2 CME A 33 -2.04 2.43 -7.55
HB3 CME A 33 -0.66 1.46 -8.21
HE2 CME A 33 -1.48 5.61 -8.17
HE3 CME A 33 -1.12 7.08 -7.18
HZ2 CME A 33 -3.58 6.79 -7.45
HZ3 CME A 33 -3.09 6.58 -5.70
HH CME A 33 -3.76 4.61 -7.67
N GLY A 34 -2.91 0.34 -5.61
CA GLY A 34 -3.82 -0.79 -5.54
C GLY A 34 -4.32 -1.31 -6.87
N SER A 35 -5.07 -2.41 -6.84
N SER A 35 -5.09 -2.40 -6.84
CA SER A 35 -5.56 -3.02 -8.07
CA SER A 35 -5.55 -3.05 -8.07
C SER A 35 -6.45 -2.06 -8.83
C SER A 35 -6.48 -2.13 -8.85
N GLY A 36 -6.14 -1.88 -10.13
CA GLY A 36 -6.92 -0.97 -10.96
C GLY A 36 -6.66 0.50 -10.71
N LEU A 37 -5.70 0.81 -9.85
CA LEU A 37 -5.42 2.19 -9.42
C LEU A 37 -4.02 2.67 -9.82
N GLY A 38 -3.43 2.10 -10.87
CA GLY A 38 -2.06 2.41 -11.22
C GLY A 38 -1.88 3.37 -12.40
N LYS A 39 -2.93 4.02 -12.87
CA LYS A 39 -2.79 4.88 -14.05
C LYS A 39 -1.73 5.96 -13.86
N LEU A 40 -1.59 6.50 -12.64
CA LEU A 40 -0.60 7.55 -12.41
C LEU A 40 0.79 7.14 -12.86
N ILE A 41 1.14 5.86 -12.70
CA ILE A 41 2.49 5.39 -13.06
C ILE A 41 2.77 5.59 -14.54
N GLU A 42 1.73 5.58 -15.38
CA GLU A 42 1.93 5.74 -16.82
C GLU A 42 2.27 7.17 -17.23
N GLU A 43 2.12 8.15 -16.32
CA GLU A 43 2.42 9.53 -16.64
C GLU A 43 3.66 10.03 -15.90
N ILE A 44 4.42 9.13 -15.28
CA ILE A 44 5.71 9.53 -14.71
C ILE A 44 6.58 10.08 -15.83
N GLU A 45 7.20 11.24 -15.57
CA GLU A 45 7.97 11.95 -16.58
C GLU A 45 9.40 11.43 -16.66
N GLU A 46 9.94 11.43 -17.87
CA GLU A 46 11.32 11.00 -18.13
C GLU A 46 11.62 9.71 -17.39
N ARG A 47 10.74 8.73 -17.59
CA ARG A 47 10.69 7.58 -16.71
C ARG A 47 11.64 6.48 -17.19
N LYS A 48 11.91 5.56 -16.27
CA LYS A 48 12.68 4.36 -16.57
C LYS A 48 11.96 3.17 -15.95
N VAL A 49 11.71 2.15 -16.76
CA VAL A 49 10.95 0.96 -16.38
C VAL A 49 11.92 -0.21 -16.20
N ILE A 50 11.92 -0.82 -15.02
CA ILE A 50 12.85 -1.90 -14.70
C ILE A 50 12.09 -3.15 -14.26
N PRO A 51 11.99 -4.19 -15.07
CA PRO A 51 11.31 -5.41 -14.62
C PRO A 51 11.98 -6.01 -13.40
N TYR A 52 11.16 -6.44 -12.43
CA TYR A 52 11.68 -7.06 -11.22
C TYR A 52 12.68 -8.15 -11.59
N ILE A 53 12.37 -8.94 -12.62
CA ILE A 53 13.18 -10.11 -12.92
C ILE A 53 14.62 -9.73 -13.24
N ASN A 54 14.86 -8.49 -13.68
CA ASN A 54 16.22 -8.05 -14.00
C ASN A 54 17.01 -7.55 -12.79
N ILE A 55 16.39 -7.35 -11.63
CA ILE A 55 17.06 -6.67 -10.52
C ILE A 55 17.66 -7.69 -9.56
N PRO A 56 18.96 -7.62 -9.26
CA PRO A 56 19.56 -8.61 -8.36
C PRO A 56 18.82 -8.68 -7.02
N ASN A 57 18.55 -9.92 -6.58
CA ASN A 57 17.93 -10.25 -5.29
C ASN A 57 16.45 -9.88 -5.19
N PHE A 58 15.81 -9.38 -6.25
CA PHE A 58 14.37 -9.13 -6.15
C PHE A 58 13.62 -10.48 -6.17
N PRO A 59 12.45 -10.55 -5.54
CA PRO A 59 11.76 -11.85 -5.44
C PRO A 59 11.28 -12.34 -6.79
N LYS A 60 11.29 -13.67 -6.94
CA LYS A 60 10.77 -14.31 -8.16
C LYS A 60 9.24 -14.24 -8.16
N THR A 61 8.64 -13.73 -9.26
CA THR A 61 7.20 -13.51 -9.30
C THR A 61 6.53 -14.20 -10.48
N THR A 62 7.20 -15.18 -11.11
CA THR A 62 6.67 -15.78 -12.33
C THR A 62 5.52 -16.76 -12.07
N VAL A 63 5.44 -17.36 -10.88
CA VAL A 63 4.34 -18.29 -10.64
C VAL A 63 3.01 -17.53 -10.64
N ALA A 64 2.97 -16.37 -9.98
CA ALA A 64 1.76 -15.53 -10.01
C ALA A 64 1.58 -14.88 -11.37
N GLY A 65 2.68 -14.51 -12.03
CA GLY A 65 2.59 -13.86 -13.33
C GLY A 65 2.15 -12.40 -13.23
N HIS A 66 1.73 -11.87 -14.37
CA HIS A 66 1.27 -10.48 -14.48
C HIS A 66 2.39 -9.47 -14.25
N VAL A 67 2.08 -8.18 -14.34
CA VAL A 67 3.12 -7.15 -14.42
C VAL A 67 3.89 -7.06 -13.12
N GLY A 68 5.20 -6.80 -13.25
CA GLY A 68 6.04 -6.52 -12.09
C GLY A 68 7.26 -5.71 -12.47
N ASN A 69 7.14 -4.38 -12.39
CA ASN A 69 8.20 -3.42 -12.73
C ASN A 69 8.41 -2.42 -11.60
N LEU A 70 9.65 -1.97 -11.46
CA LEU A 70 9.97 -0.73 -10.74
C LEU A 70 10.03 0.41 -11.76
N VAL A 71 9.38 1.54 -11.45
CA VAL A 71 9.34 2.68 -12.39
C VAL A 71 9.84 3.93 -11.68
N LEU A 72 10.86 4.58 -12.24
CA LEU A 72 11.47 5.77 -11.66
C LEU A 72 11.32 6.95 -12.59
N GLY A 73 11.16 8.15 -12.03
CA GLY A 73 11.05 9.35 -12.85
C GLY A 73 10.54 10.51 -12.00
N SER A 74 9.93 11.49 -12.66
CA SER A 74 9.50 12.71 -11.98
C SER A 74 7.99 12.88 -12.08
N VAL A 75 7.40 13.38 -10.98
CA VAL A 75 6.01 13.80 -10.92
C VAL A 75 5.95 15.14 -10.20
N GLY A 76 5.34 16.13 -10.83
CA GLY A 76 5.16 17.43 -10.17
C GLY A 76 6.44 18.03 -9.66
N GLY A 77 7.53 17.84 -10.39
CA GLY A 77 8.82 18.34 -9.98
C GLY A 77 9.52 17.51 -8.92
N ARG A 78 8.96 16.36 -8.54
CA ARG A 78 9.52 15.54 -7.49
C ARG A 78 10.00 14.21 -8.05
N LYS A 79 11.07 13.68 -7.47
CA LYS A 79 11.62 12.40 -7.92
C LYS A 79 10.96 11.24 -7.17
N ILE A 80 10.38 10.27 -7.90
CA ILE A 80 9.66 9.17 -7.27
C ILE A 80 10.11 7.81 -7.79
N VAL A 81 9.78 6.77 -7.01
CA VAL A 81 9.91 5.38 -7.43
C VAL A 81 8.59 4.65 -7.14
N ALA A 82 8.06 3.93 -8.13
CA ALA A 82 6.80 3.20 -8.00
C ALA A 82 6.99 1.70 -8.15
N MET A 83 6.25 0.94 -7.35
CA MET A 83 6.08 -0.50 -7.59
C MET A 83 4.85 -0.69 -8.47
N GLN A 84 5.06 -1.18 -9.69
CA GLN A 84 3.99 -1.50 -10.64
C GLN A 84 3.77 -3.01 -10.63
N GLY A 85 2.79 -3.45 -9.85
CA GLY A 85 2.63 -4.86 -9.57
C GLY A 85 3.06 -5.19 -8.17
N ARG A 86 2.15 -5.08 -7.23
CA ARG A 86 2.48 -5.22 -5.82
C ARG A 86 2.46 -6.69 -5.41
N LEU A 87 3.27 -7.02 -4.42
CA LEU A 87 3.35 -8.39 -3.88
C LEU A 87 2.38 -8.56 -2.73
N HIS A 88 1.58 -9.62 -2.78
CA HIS A 88 0.60 -9.92 -1.73
C HIS A 88 0.95 -11.21 -1.00
N MET A 89 0.79 -11.21 0.35
CA MET A 89 1.17 -12.39 1.13
CA MET A 89 1.14 -12.39 1.15
C MET A 89 0.25 -13.59 0.86
N TYR A 90 -1.00 -13.37 0.41
CA TYR A 90 -1.85 -14.52 0.03
C TYR A 90 -1.32 -15.31 -1.18
N GLU A 91 -0.34 -14.80 -1.92
CA GLU A 91 0.27 -15.57 -3.01
C GLU A 91 1.29 -16.59 -2.53
N GLY A 92 1.67 -16.55 -1.24
CA GLY A 92 2.68 -17.43 -0.70
C GLY A 92 4.06 -16.84 -0.56
N TYR A 93 4.24 -15.54 -0.85
CA TYR A 93 5.55 -14.90 -0.65
C TYR A 93 5.94 -14.93 0.82
N SER A 94 7.25 -15.01 1.07
CA SER A 94 7.74 -14.96 2.45
C SER A 94 7.86 -13.52 2.94
N ASN A 95 8.00 -13.40 4.28
CA ASN A 95 8.33 -12.10 4.90
C ASN A 95 9.51 -11.42 4.22
N GLN A 96 10.55 -12.21 3.90
CA GLN A 96 11.77 -11.65 3.31
C GLN A 96 11.52 -11.10 1.90
N GLU A 97 10.65 -11.78 1.13
CA GLU A 97 10.35 -11.34 -0.24
C GLU A 97 9.55 -10.03 -0.24
N ILE A 98 8.60 -9.88 0.69
CA ILE A 98 7.82 -8.64 0.79
C ILE A 98 8.71 -7.48 1.24
N ALA A 99 9.61 -7.72 2.20
CA ALA A 99 10.35 -6.62 2.82
C ALA A 99 11.45 -6.08 1.91
N LEU A 100 12.05 -6.89 1.03
CA LEU A 100 13.25 -6.42 0.35
C LEU A 100 12.99 -5.20 -0.55
N PRO A 101 11.91 -5.15 -1.36
CA PRO A 101 11.72 -3.93 -2.17
C PRO A 101 11.55 -2.66 -1.35
N ILE A 102 10.90 -2.72 -0.18
CA ILE A 102 10.77 -1.53 0.67
C ILE A 102 12.11 -1.10 1.22
N ARG A 103 12.94 -2.06 1.64
CA ARG A 103 14.28 -1.72 2.14
C ARG A 103 15.20 -1.20 1.05
N VAL A 104 15.01 -1.64 -0.21
CA VAL A 104 15.73 -1.02 -1.34
C VAL A 104 15.28 0.44 -1.52
N MET A 105 13.97 0.70 -1.45
CA MET A 105 13.50 2.08 -1.48
C MET A 105 14.21 2.92 -0.43
N LYS A 106 14.37 2.38 0.79
CA LYS A 106 15.05 3.13 1.85
C LYS A 106 16.48 3.49 1.45
N LEU A 107 17.25 2.51 0.92
CA LEU A 107 18.63 2.77 0.53
C LEU A 107 18.74 3.74 -0.62
N LEU A 108 17.71 3.80 -1.48
CA LEU A 108 17.71 4.74 -2.60
C LEU A 108 17.45 6.18 -2.14
N GLY A 109 16.93 6.37 -0.92
CA GLY A 109 16.70 7.69 -0.36
C GLY A 109 15.25 8.03 -0.07
N VAL A 110 14.33 7.07 -0.15
CA VAL A 110 12.91 7.34 0.07
C VAL A 110 12.66 7.71 1.53
N ARG A 111 11.95 8.83 1.73
CA ARG A 111 11.53 9.30 3.06
C ARG A 111 10.01 9.27 3.29
N VAL A 112 9.20 9.22 2.24
CA VAL A 112 7.74 9.18 2.31
C VAL A 112 7.24 8.10 1.35
N LEU A 113 6.33 7.24 1.83
CA LEU A 113 5.71 6.17 1.04
C LEU A 113 4.20 6.40 1.01
N LEU A 114 3.63 6.51 -0.21
CA LEU A 114 2.19 6.67 -0.41
C LEU A 114 1.59 5.36 -0.93
N ILE A 115 0.47 4.91 -0.33
CA ILE A 115 -0.13 3.58 -0.62
C ILE A 115 -1.64 3.70 -0.84
N THR A 116 -2.16 3.01 -1.88
CA THR A 116 -3.62 2.87 -2.04
C THR A 116 -3.99 1.39 -2.06
N ASN A 117 -5.25 1.09 -1.71
CA ASN A 117 -5.76 -0.29 -1.74
C ASN A 117 -7.28 -0.26 -1.95
N LEU A 118 -7.84 -1.42 -2.32
CA LEU A 118 -9.28 -1.65 -2.34
C LEU A 118 -9.69 -2.42 -1.08
N ALA A 119 -10.78 -1.99 -0.45
CA ALA A 119 -11.18 -2.56 0.83
C ALA A 119 -12.69 -2.75 0.91
N GLY A 120 -13.10 -3.65 1.80
CA GLY A 120 -14.50 -3.74 2.19
C GLY A 120 -14.82 -2.79 3.33
N GLY A 121 -15.99 -2.14 3.22
CA GLY A 121 -16.46 -1.27 4.29
C GLY A 121 -17.18 -2.04 5.40
N ILE A 122 -16.85 -1.72 6.65
CA ILE A 122 -17.48 -2.27 7.83
C ILE A 122 -18.35 -1.21 8.54
N ASN A 123 -17.76 -0.05 8.85
CA ASN A 123 -18.52 1.08 9.43
C ASN A 123 -19.74 1.39 8.59
N ARG A 124 -20.89 1.56 9.26
CA ARG A 124 -22.13 1.75 8.53
C ARG A 124 -22.17 3.08 7.78
N LYS A 125 -21.29 4.04 8.08
CA LYS A 125 -21.28 5.29 7.33
C LYS A 125 -20.63 5.17 5.94
N LEU A 126 -19.99 4.03 5.62
CA LEU A 126 -19.21 3.91 4.40
C LEU A 126 -20.02 3.30 3.25
N LYS A 127 -19.92 3.94 2.08
CA LYS A 127 -20.60 3.52 0.85
C LYS A 127 -19.55 3.13 -0.21
N SER A 128 -19.99 2.33 -1.17
CA SER A 128 -19.16 2.07 -2.34
C SER A 128 -18.73 3.39 -2.99
N GLY A 129 -17.41 3.52 -3.25
CA GLY A 129 -16.83 4.70 -3.85
C GLY A 129 -16.25 5.71 -2.88
N ASP A 130 -16.45 5.53 -1.57
CA ASP A 130 -15.85 6.40 -0.58
C ASP A 130 -14.35 6.10 -0.42
N PHE A 131 -13.61 7.09 0.09
CA PHE A 131 -12.20 6.95 0.44
C PHE A 131 -12.03 6.98 1.96
N VAL A 132 -11.09 6.18 2.48
CA VAL A 132 -10.76 6.17 3.92
C VAL A 132 -9.26 6.42 4.11
N LEU A 133 -8.94 7.54 4.79
CA LEU A 133 -7.58 7.81 5.24
C LEU A 133 -7.30 6.89 6.44
N ILE A 134 -6.32 6.01 6.33
CA ILE A 134 -6.08 5.00 7.39
C ILE A 134 -5.30 5.65 8.54
N LYS A 135 -5.83 5.52 9.78
CA LYS A 135 -5.21 6.15 10.94
C LYS A 135 -4.67 5.13 11.93
N GLY A 136 -4.87 3.85 11.68
CA GLY A 136 -4.40 2.78 12.56
C GLY A 136 -4.83 1.46 11.97
N HIS A 137 -4.38 0.35 12.59
CA HIS A 137 -4.71 -0.96 12.01
C HIS A 137 -4.88 -2.04 13.08
N ILE A 138 -5.53 -3.13 12.67
CA ILE A 138 -5.59 -4.36 13.46
C ILE A 138 -5.01 -5.48 12.59
N ASN A 139 -3.85 -6.00 13.01
CA ASN A 139 -3.01 -6.92 12.23
C ASN A 139 -3.25 -8.36 12.68
N PHE A 140 -4.28 -9.01 12.13
CA PHE A 140 -4.58 -10.38 12.58
C PHE A 140 -3.42 -11.33 12.30
N PRO A 141 -2.73 -11.28 11.16
CA PRO A 141 -1.54 -12.13 11.03
C PRO A 141 -0.46 -11.86 12.08
N GLY A 142 -0.23 -10.59 12.43
CA GLY A 142 0.76 -10.28 13.45
C GLY A 142 0.41 -10.82 14.81
N LEU A 143 -0.84 -10.66 15.25
CA LEU A 143 -1.24 -11.26 16.50
C LEU A 143 -0.98 -12.76 16.49
N GLY A 144 -1.16 -13.41 15.34
CA GLY A 144 -1.06 -14.87 15.23
C GLY A 144 0.22 -15.52 14.72
N LEU A 145 1.36 -14.86 14.94
CA LEU A 145 2.74 -15.30 14.65
C LEU A 145 3.12 -15.30 13.16
N ASN A 146 2.38 -14.53 12.32
CA ASN A 146 2.74 -14.30 10.92
C ASN A 146 3.03 -12.82 10.64
N ASN A 147 3.49 -12.05 11.66
CA ASN A 147 3.98 -10.68 11.41
C ASN A 147 5.12 -10.69 10.38
N VAL A 148 5.17 -9.64 9.53
CA VAL A 148 6.21 -9.50 8.51
C VAL A 148 7.62 -9.40 9.10
N LEU A 149 7.75 -9.05 10.38
CA LEU A 149 9.06 -8.97 11.03
C LEU A 149 9.48 -10.26 11.79
N VAL A 150 8.65 -11.33 11.79
CA VAL A 150 9.09 -12.57 12.43
C VAL A 150 10.33 -13.09 11.72
N GLY A 151 11.38 -13.40 12.49
CA GLY A 151 12.69 -13.77 11.98
C GLY A 151 13.74 -12.97 12.71
N PRO A 152 15.01 -13.20 12.36
CA PRO A 152 16.08 -12.36 12.90
C PRO A 152 15.83 -10.90 12.57
N ASN A 153 16.19 -10.01 13.49
CA ASN A 153 16.13 -8.59 13.18
C ASN A 153 17.33 -8.16 12.33
N GLN A 154 17.06 -7.33 11.31
CA GLN A 154 18.12 -6.72 10.50
C GLN A 154 18.39 -5.35 11.10
N ASP A 155 19.39 -5.30 12.00
CA ASP A 155 19.64 -4.15 12.87
C ASP A 155 19.98 -2.88 12.11
N GLU A 156 20.61 -2.97 10.94
CA GLU A 156 20.93 -1.77 10.17
C GLU A 156 19.69 -0.98 9.74
N PHE A 157 18.55 -1.64 9.62
CA PHE A 157 17.33 -0.97 9.18
C PHE A 157 16.48 -0.43 10.34
N GLY A 158 16.46 -1.09 11.50
CA GLY A 158 15.60 -0.67 12.59
C GLY A 158 15.68 -1.56 13.80
N PRO A 159 14.85 -1.26 14.81
CA PRO A 159 14.96 -1.93 16.12
C PRO A 159 14.23 -3.28 16.17
N ARG A 160 14.63 -4.09 17.15
CA ARG A 160 14.00 -5.40 17.31
C ARG A 160 12.49 -5.27 17.57
N PHE A 161 12.08 -4.33 18.42
CA PHE A 161 10.69 -4.11 18.80
C PHE A 161 10.20 -2.72 18.39
N PRO A 162 9.70 -2.55 17.17
CA PRO A 162 9.19 -1.23 16.74
C PRO A 162 7.86 -0.87 17.37
N ASP A 163 7.70 0.45 17.59
CA ASP A 163 6.44 1.05 18.00
C ASP A 163 5.68 1.51 16.76
N LEU A 164 4.40 1.15 16.67
CA LEU A 164 3.57 1.50 15.51
C LEU A 164 2.57 2.63 15.81
N SER A 165 2.68 3.28 16.98
CA SER A 165 1.69 4.28 17.37
C SER A 165 1.66 5.49 16.43
N ASN A 166 2.76 5.77 15.71
CA ASN A 166 2.81 6.87 14.74
C ASN A 166 3.13 6.38 13.33
N ALA A 167 2.72 5.16 13.00
CA ALA A 167 2.96 4.59 11.67
C ALA A 167 2.28 5.39 10.56
N TYR A 168 1.10 5.96 10.83
CA TYR A 168 0.30 6.69 9.84
C TYR A 168 0.42 8.19 10.17
N ASP A 169 1.32 8.88 9.47
CA ASP A 169 1.64 10.29 9.77
C ASP A 169 0.41 11.21 9.76
N ARG A 170 0.26 11.99 10.83
CA ARG A 170 -0.94 12.82 10.95
C ARG A 170 -0.92 14.02 10.00
N LEU A 171 0.23 14.65 9.79
CA LEU A 171 0.25 15.78 8.86
C LEU A 171 -0.04 15.36 7.42
N LEU A 172 0.36 14.14 7.01
CA LEU A 172 0.05 13.71 5.65
C LEU A 172 -1.44 13.45 5.49
N GLN A 173 -2.11 12.93 6.53
CA GLN A 173 -3.57 12.81 6.48
C GLN A 173 -4.22 14.18 6.34
N GLN A 174 -3.72 15.18 7.07
CA GLN A 174 -4.29 16.53 6.99
C GLN A 174 -4.10 17.14 5.60
N LEU A 175 -2.93 16.92 4.98
CA LEU A 175 -2.70 17.43 3.63
C LEU A 175 -3.64 16.78 2.62
N ALA A 176 -3.83 15.46 2.74
CA ALA A 176 -4.74 14.78 1.81
C ALA A 176 -6.15 15.33 1.94
N LEU A 177 -6.63 15.55 3.16
CA LEU A 177 -7.97 16.11 3.33
C LEU A 177 -8.04 17.55 2.80
N LYS A 178 -7.01 18.38 3.05
CA LYS A 178 -7.06 19.76 2.56
C LYS A 178 -7.25 19.81 1.05
N ILE A 179 -6.57 18.91 0.33
CA ILE A 179 -6.64 18.90 -1.13
C ILE A 179 -8.03 18.45 -1.59
N ALA A 180 -8.62 17.46 -0.91
CA ALA A 180 -10.00 17.07 -1.24
C ALA A 180 -10.96 18.24 -1.04
N GLN A 181 -10.76 19.03 0.02
CA GLN A 181 -11.60 20.21 0.26
C GLN A 181 -11.43 21.26 -0.84
N GLU A 182 -10.20 21.46 -1.30
CA GLU A 182 -9.91 22.41 -2.37
C GLU A 182 -10.65 22.07 -3.66
N ASN A 183 -10.84 20.78 -3.93
CA ASN A 183 -11.48 20.32 -5.16
C ASN A 183 -12.91 19.82 -4.94
N ASP A 184 -13.48 20.09 -3.76
CA ASP A 184 -14.91 19.88 -3.47
C ASP A 184 -15.32 18.41 -3.58
N PHE A 185 -14.45 17.49 -3.11
CA PHE A 185 -14.88 16.09 -2.93
C PHE A 185 -14.63 15.58 -1.52
N GLN A 186 -14.56 16.49 -0.55
CA GLN A 186 -14.36 16.09 0.85
C GLN A 186 -15.51 15.24 1.37
N ASP A 187 -16.69 15.34 0.76
CA ASP A 187 -17.81 14.51 1.19
C ASP A 187 -17.56 13.02 0.96
N LEU A 188 -16.54 12.68 0.18
CA LEU A 188 -16.20 11.28 -0.04
C LEU A 188 -15.18 10.76 0.96
N VAL A 189 -14.58 11.63 1.77
CA VAL A 189 -13.35 11.30 2.51
C VAL A 189 -13.64 11.12 3.99
N HIS A 190 -13.37 9.90 4.51
CA HIS A 190 -13.50 9.53 5.91
C HIS A 190 -12.11 9.18 6.46
N GLU A 191 -12.06 8.90 7.76
CA GLU A 191 -10.86 8.29 8.37
C GLU A 191 -11.26 7.01 9.08
N GLY A 192 -10.30 6.12 9.31
CA GLY A 192 -10.68 4.85 9.91
C GLY A 192 -9.53 3.88 10.17
N VAL A 193 -9.89 2.80 10.89
CA VAL A 193 -8.99 1.70 11.26
C VAL A 193 -9.12 0.56 10.24
N TYR A 194 -7.97 0.08 9.73
CA TYR A 194 -7.86 -0.98 8.72
C TYR A 194 -7.59 -2.33 9.39
N ALA A 195 -8.47 -3.32 9.14
CA ALA A 195 -8.19 -4.71 9.54
C ALA A 195 -7.51 -5.45 8.39
N PHE A 196 -6.40 -6.14 8.71
CA PHE A 196 -5.68 -6.98 7.73
C PHE A 196 -6.20 -8.41 7.87
N ASN A 197 -6.94 -8.90 6.85
CA ASN A 197 -7.32 -10.30 6.63
C ASN A 197 -6.31 -10.89 5.63
N GLY A 198 -5.59 -11.92 6.05
CA GLY A 198 -4.59 -12.51 5.15
C GLY A 198 -5.16 -12.91 3.79
N GLY A 199 -6.39 -13.40 3.76
CA GLY A 199 -7.01 -13.76 2.49
C GLY A 199 -6.55 -15.12 1.94
N PRO A 200 -6.86 -15.44 0.68
CA PRO A 200 -7.48 -14.62 -0.39
C PRO A 200 -9.01 -14.69 -0.49
N THR A 201 -9.67 -15.47 0.37
CA THR A 201 -11.13 -15.41 0.42
C THR A 201 -11.58 -14.06 0.95
N TYR A 202 -12.63 -13.51 0.33
CA TYR A 202 -13.26 -12.34 0.93
C TYR A 202 -13.73 -12.67 2.33
N GLU A 203 -13.74 -11.66 3.20
CA GLU A 203 -14.32 -11.81 4.53
C GLU A 203 -15.72 -12.40 4.46
N SER A 204 -15.98 -13.41 5.31
CA SER A 204 -17.30 -14.03 5.35
C SER A 204 -18.30 -13.10 6.03
N PRO A 205 -19.60 -13.29 5.80
CA PRO A 205 -20.57 -12.42 6.49
C PRO A 205 -20.36 -12.37 8.00
N ASP A 206 -20.06 -13.51 8.60
CA ASP A 206 -19.89 -13.51 10.05
C ASP A 206 -18.54 -12.97 10.51
N GLU A 207 -17.48 -13.10 9.70
CA GLU A 207 -16.25 -12.37 10.00
C GLU A 207 -16.48 -10.84 9.94
N SER A 208 -17.27 -10.36 8.97
CA SER A 208 -17.55 -8.94 8.89
C SER A 208 -18.28 -8.45 10.12
N ASN A 209 -19.26 -9.23 10.60
CA ASN A 209 -20.00 -8.85 11.82
C ASN A 209 -19.08 -8.82 13.02
N MET A 210 -18.13 -9.75 13.10
CA MET A 210 -17.13 -9.73 14.17
C MET A 210 -16.29 -8.45 14.11
N LEU A 211 -15.88 -8.06 12.91
CA LEU A 211 -15.03 -6.87 12.76
C LEU A 211 -15.77 -5.61 13.16
N LEU A 212 -17.09 -5.57 12.96
CA LEU A 212 -17.88 -4.43 13.39
C LEU A 212 -17.85 -4.33 14.91
N LYS A 213 -18.00 -5.46 15.59
CA LYS A 213 -17.92 -5.49 17.04
C LYS A 213 -16.56 -5.01 17.55
N LEU A 214 -15.48 -5.26 16.82
CA LEU A 214 -14.12 -5.02 17.29
C LEU A 214 -13.60 -3.64 16.93
N GLY A 215 -14.43 -2.77 16.38
CA GLY A 215 -14.03 -1.42 16.06
C GLY A 215 -13.28 -1.24 14.76
N CYS A 216 -13.39 -2.17 13.83
CA CYS A 216 -12.77 -1.97 12.53
C CYS A 216 -13.69 -1.17 11.64
N ASP A 217 -13.10 -0.26 10.86
CA ASP A 217 -13.86 0.51 9.88
C ASP A 217 -13.83 -0.11 8.48
N VAL A 218 -12.70 -0.71 8.07
CA VAL A 218 -12.53 -1.30 6.73
C VAL A 218 -11.69 -2.57 6.90
N VAL A 219 -11.72 -3.43 5.87
CA VAL A 219 -10.95 -4.70 5.88
C VAL A 219 -10.34 -4.93 4.50
N GLY A 220 -9.10 -5.39 4.47
CA GLY A 220 -8.47 -5.77 3.22
C GLY A 220 -7.32 -6.75 3.42
N MET A 221 -6.65 -7.09 2.28
CA MET A 221 -5.66 -8.16 2.25
C MET A 221 -4.24 -7.69 1.93
N SER A 222 -3.95 -6.41 2.11
CA SER A 222 -2.64 -5.85 1.75
C SER A 222 -2.20 -4.81 2.79
N THR A 223 -1.18 -4.02 2.42
CA THR A 223 -0.85 -2.73 3.01
C THR A 223 -0.14 -2.82 4.36
N VAL A 224 -0.69 -3.56 5.34
CA VAL A 224 -0.07 -3.60 6.66
C VAL A 224 1.35 -4.15 6.64
N PRO A 225 1.68 -5.22 5.87
CA PRO A 225 3.10 -5.65 5.82
C PRO A 225 4.06 -4.54 5.37
N GLU A 226 3.72 -3.81 4.29
CA GLU A 226 4.59 -2.74 3.80
C GLU A 226 4.68 -1.60 4.80
N VAL A 227 3.56 -1.23 5.44
CA VAL A 227 3.60 -0.18 6.45
C VAL A 227 4.58 -0.54 7.57
N ILE A 228 4.53 -1.80 8.05
CA ILE A 228 5.39 -2.19 9.17
C ILE A 228 6.87 -2.12 8.76
N ILE A 229 7.23 -2.59 7.56
CA ILE A 229 8.63 -2.51 7.12
C ILE A 229 9.08 -1.05 6.97
N ALA A 230 8.20 -0.19 6.45
CA ALA A 230 8.51 1.23 6.30
C ALA A 230 8.68 1.91 7.67
N CYS A 231 7.76 1.65 8.62
CA CYS A 231 7.86 2.26 9.96
C CYS A 231 9.13 1.79 10.69
N HIS A 232 9.48 0.51 10.55
CA HIS A 232 10.69 -0.05 11.14
C HIS A 232 11.93 0.72 10.73
N CYS A 233 12.02 1.15 9.46
CA CYS A 233 13.23 1.81 8.96
C CYS A 233 13.05 3.33 8.81
N GLY A 234 12.02 3.90 9.45
CA GLY A 234 11.88 5.37 9.54
C GLY A 234 11.26 6.10 8.35
N ILE A 235 10.51 5.41 7.50
CA ILE A 235 9.82 6.02 6.37
C ILE A 235 8.40 6.40 6.78
N LYS A 236 8.00 7.66 6.50
CA LYS A 236 6.64 8.14 6.80
C LYS A 236 5.66 7.56 5.80
N VAL A 237 4.40 7.32 6.25
CA VAL A 237 3.39 6.63 5.42
C VAL A 237 2.07 7.39 5.40
N LEU A 238 1.46 7.48 4.20
CA LEU A 238 0.04 7.78 3.99
C LEU A 238 -0.59 6.58 3.27
N ALA A 239 -1.68 6.05 3.82
CA ALA A 239 -2.39 4.92 3.20
C ALA A 239 -3.87 5.25 3.07
N VAL A 240 -4.45 5.00 1.88
CA VAL A 240 -5.83 5.38 1.56
C VAL A 240 -6.53 4.17 0.96
N SER A 241 -7.66 3.78 1.54
CA SER A 241 -8.51 2.71 1.03
C SER A 241 -9.64 3.30 0.16
N LEU A 242 -9.87 2.66 -1.01
CA LEU A 242 -11.10 2.85 -1.80
C LEU A 242 -12.10 1.77 -1.42
N ILE A 243 -13.31 2.17 -1.03
CA ILE A 243 -14.34 1.23 -0.57
C ILE A 243 -15.06 0.62 -1.76
N ALA A 244 -14.96 -0.71 -1.91
CA ALA A 244 -15.62 -1.39 -3.01
C ALA A 244 -17.08 -1.72 -2.74
N ASN A 245 -17.45 -1.89 -1.46
CA ASN A 245 -18.76 -2.41 -1.05
C ASN A 245 -18.85 -2.21 0.45
N ASN A 246 -20.07 -2.26 1.02
CA ASN A 246 -20.23 -2.33 2.46
C ASN A 246 -20.61 -3.76 2.82
N SER A 247 -19.68 -4.48 3.45
CA SER A 247 -19.87 -5.89 3.70
C SER A 247 -20.95 -6.17 4.74
N ILE A 248 -21.21 -5.22 5.64
CA ILE A 248 -22.26 -5.42 6.65
C ILE A 248 -23.63 -5.31 5.99
N LEU A 249 -23.83 -4.30 5.14
CA LEU A 249 -25.07 -4.20 4.38
C LEU A 249 -25.26 -5.42 3.48
N ASP A 250 -24.18 -5.86 2.81
CA ASP A 250 -24.31 -7.03 1.92
C ASP A 250 -24.72 -8.28 2.71
N ALA A 251 -24.21 -8.45 3.94
CA ALA A 251 -24.61 -9.61 4.73
C ALA A 251 -26.09 -9.53 5.13
N GLU A 252 -26.58 -8.33 5.42
CA GLU A 252 -27.99 -8.18 5.80
C GLU A 252 -28.92 -8.42 4.61
N ASN A 253 -28.44 -8.21 3.37
CA ASN A 253 -29.26 -8.33 2.17
C ASN A 253 -28.91 -9.54 1.29
N ASP A 254 -28.01 -10.41 1.75
CA ASP A 254 -27.59 -11.61 0.99
C ASP A 254 -27.07 -11.26 -0.43
N VAL A 255 -26.24 -10.21 -0.52
CA VAL A 255 -25.62 -9.77 -1.76
C VAL A 255 -24.17 -10.27 -1.81
N SER A 256 -23.75 -10.76 -2.99
CA SER A 256 -22.42 -11.35 -3.12
C SER A 256 -21.34 -10.29 -3.34
N ILE A 257 -20.10 -10.68 -3.05
CA ILE A 257 -18.89 -9.89 -3.31
C ILE A 257 -18.11 -10.61 -4.39
N ASN A 258 -17.60 -9.89 -5.40
CA ASN A 258 -16.79 -10.57 -6.41
C ASN A 258 -15.81 -9.62 -7.08
N HIS A 259 -14.76 -10.22 -7.67
CA HIS A 259 -13.63 -9.42 -8.16
C HIS A 259 -14.07 -8.48 -9.29
N GLU A 260 -15.02 -8.90 -10.12
CA GLU A 260 -15.44 -8.04 -11.22
C GLU A 260 -16.13 -6.79 -10.69
N LYS A 261 -16.93 -6.92 -9.64
CA LYS A 261 -17.58 -5.74 -9.07
C LYS A 261 -16.55 -4.82 -8.44
N VAL A 262 -15.55 -5.40 -7.78
CA VAL A 262 -14.50 -4.61 -7.16
C VAL A 262 -13.77 -3.77 -8.19
N LEU A 263 -13.34 -4.40 -9.29
CA LEU A 263 -12.58 -3.69 -10.31
C LEU A 263 -13.41 -2.61 -10.99
N ALA A 264 -14.74 -2.78 -11.07
CA ALA A 264 -15.56 -1.73 -11.67
C ALA A 264 -15.62 -0.48 -10.81
N VAL A 265 -15.64 -0.64 -9.48
CA VAL A 265 -15.50 0.53 -8.60
C VAL A 265 -14.14 1.19 -8.79
N ALA A 266 -13.07 0.40 -8.90
CA ALA A 266 -11.75 0.97 -9.14
C ALA A 266 -11.75 1.82 -10.40
N GLU A 267 -12.36 1.32 -11.48
CA GLU A 267 -12.35 2.08 -12.73
C GLU A 267 -13.14 3.37 -12.58
N LYS A 268 -14.22 3.34 -11.80
CA LYS A 268 -15.06 4.53 -11.61
C LYS A 268 -14.33 5.65 -10.84
N ARG A 269 -13.41 5.31 -9.94
CA ARG A 269 -12.70 6.31 -9.14
C ARG A 269 -11.25 6.50 -9.54
N ALA A 270 -10.75 5.75 -10.54
CA ALA A 270 -9.33 5.80 -10.89
C ALA A 270 -8.84 7.21 -11.23
N ASP A 271 -9.59 7.95 -12.05
CA ASP A 271 -9.06 9.24 -12.53
C ASP A 271 -9.04 10.27 -11.41
N LEU A 272 -10.03 10.24 -10.50
CA LEU A 272 -10.03 11.14 -9.36
C LEU A 272 -8.88 10.84 -8.41
N LEU A 273 -8.60 9.56 -8.18
CA LEU A 273 -7.50 9.19 -7.32
C LEU A 273 -6.14 9.58 -7.93
N GLN A 274 -6.01 9.46 -9.25
CA GLN A 274 -4.80 9.91 -9.94
C GLN A 274 -4.56 11.41 -9.73
N MET A 275 -5.60 12.23 -9.95
CA MET A 275 -5.52 13.68 -9.75
C MET A 275 -5.13 13.99 -8.30
N TRP A 276 -5.76 13.32 -7.35
CA TRP A 276 -5.54 13.57 -5.93
C TRP A 276 -4.09 13.29 -5.53
N PHE A 277 -3.57 12.11 -5.93
CA PHE A 277 -2.23 11.74 -5.51
C PHE A 277 -1.15 12.54 -6.24
N LYS A 278 -1.43 13.01 -7.47
CA LYS A 278 -0.49 13.89 -8.16
C LYS A 278 -0.29 15.19 -7.37
N GLU A 279 -1.39 15.78 -6.89
CA GLU A 279 -1.31 17.01 -6.10
C GLU A 279 -0.64 16.73 -4.76
N ILE A 280 -0.96 15.61 -4.09
CA ILE A 280 -0.29 15.26 -2.84
C ILE A 280 1.22 15.22 -3.03
N ILE A 281 1.69 14.54 -4.09
CA ILE A 281 3.12 14.44 -4.36
C ILE A 281 3.72 15.83 -4.56
N THR A 282 3.03 16.66 -5.33
CA THR A 282 3.51 18.01 -5.60
C THR A 282 3.66 18.83 -4.31
N ARG A 283 2.72 18.67 -3.38
CA ARG A 283 2.61 19.49 -2.18
C ARG A 283 3.37 18.94 -0.98
N LEU A 284 3.90 17.72 -1.02
CA LEU A 284 4.60 17.18 0.13
C LEU A 284 5.65 18.17 0.64
N PRO A 285 5.75 18.39 1.97
CA PRO A 285 6.71 19.34 2.55
C PRO A 285 8.12 19.25 1.97
S DMS B . 12.13 -9.15 8.42
O DMS B . 13.64 -9.01 8.32
C1 DMS B . 11.49 -9.26 6.72
C2 DMS B . 11.83 -10.87 8.90
H11 DMS B . 10.45 -9.44 6.74
H12 DMS B . 11.68 -8.35 6.21
H13 DMS B . 11.98 -10.05 6.21
H21 DMS B . 12.24 -11.04 9.87
H22 DMS B . 12.31 -11.51 8.21
H23 DMS B . 10.80 -11.06 8.91
S DMS C . -5.39 -4.01 -3.42
O DMS C . -5.82 -2.63 -3.72
C1 DMS C . -3.80 -4.40 -4.21
C2 DMS C . -5.16 -4.34 -1.69
H11 DMS C . -3.48 -5.35 -3.90
H12 DMS C . -3.09 -3.67 -3.92
H13 DMS C . -3.92 -4.38 -5.26
H21 DMS C . -4.50 -3.63 -1.27
H22 DMS C . -6.11 -4.27 -1.20
H23 DMS C . -4.77 -5.31 -1.55
S DMS D . -9.70 -7.56 -4.61
O DMS D . -10.80 -8.22 -5.42
C1 DMS D . -8.82 -8.49 -3.33
C2 DMS D . -8.38 -7.04 -5.73
H11 DMS D . -8.04 -7.91 -2.94
H12 DMS D . -9.49 -8.76 -2.56
H13 DMS D . -8.42 -9.38 -3.76
H21 DMS D . -8.74 -6.29 -6.38
H22 DMS D . -7.57 -6.66 -5.16
H23 DMS D . -8.04 -7.88 -6.29
S DMS E . 9.76 2.41 14.90
O DMS E . 9.93 1.99 16.37
C1 DMS E . 9.10 4.09 15.07
C2 DMS E . 11.36 2.81 14.18
H11 DMS E . 9.75 4.68 15.66
H12 DMS E . 8.14 4.06 15.51
H13 DMS E . 9.01 4.54 14.10
H21 DMS E . 11.84 3.55 14.77
H22 DMS E . 11.22 3.18 13.19
H23 DMS E . 11.96 1.93 14.14
S DMS F . 19.10 2.40 6.44
O DMS F . 20.03 1.22 6.43
C1 DMS F . 17.70 2.03 7.51
C2 DMS F . 19.83 3.59 7.60
H11 DMS F . 17.14 1.23 7.10
H12 DMS F . 17.09 2.89 7.59
H13 DMS F . 18.05 1.76 8.47
H21 DMS F . 20.76 3.93 7.23
H22 DMS F . 19.99 3.11 8.53
H23 DMS F . 19.18 4.41 7.73
S DMS G . 4.79 -18.56 -4.83
O DMS G . 5.24 -17.23 -4.31
C1 DMS G . 6.12 -19.26 -5.83
C2 DMS G . 4.75 -19.77 -3.48
H11 DMS G . 5.85 -20.24 -6.14
H12 DMS G . 7.01 -19.32 -5.25
H13 DMS G . 6.29 -18.66 -6.69
H21 DMS G . 4.52 -20.72 -3.88
H22 DMS G . 4.01 -19.49 -2.78
H23 DMS G . 5.70 -19.80 -3.01
S DMS H . 18.61 2.39 12.23
O DMS H . 19.91 1.68 12.35
C1 DMS H . 17.72 2.31 13.81
C2 DMS H . 18.93 4.18 12.15
H11 DMS H . 16.83 2.89 13.75
H12 DMS H . 18.33 2.68 14.59
H13 DMS H . 17.45 1.30 14.01
H21 DMS H . 19.46 4.39 11.26
H22 DMS H . 19.49 4.47 12.99
H23 DMS H . 18.00 4.71 12.14
N2 2IM I . -14.97 -6.68 0.22
C1 2IM I . -13.80 -6.56 -0.17
N1 2IM I . -12.73 -7.11 0.62
C4 2IM I . -11.33 -6.99 0.29
C5 2IM I . -11.06 -6.48 -1.12
C3 2IM I . -12.02 -5.41 -1.56
C2 2IM I . -13.47 -5.82 -1.46
HN2 2IM I . -15.14 -7.11 0.95
HN1 2IM I . -12.95 -7.51 1.36
H41 2IM I . -10.93 -6.38 0.92
H42 2IM I . -10.92 -7.86 0.39
H51 2IM I . -11.11 -7.23 -1.74
H52 2IM I . -10.16 -6.12 -1.15
H31 2IM I . -11.83 -5.17 -2.48
H32 2IM I . -11.89 -4.63 -0.99
H21 2IM I . -14.03 -5.03 -1.52
H22 2IM I . -13.67 -6.40 -2.21
#